data_5ZDA
#
_entry.id   5ZDA
#
_cell.length_a   45.096
_cell.length_b   71.073
_cell.length_c   72.257
_cell.angle_alpha   90.00
_cell.angle_beta   90.00
_cell.angle_gamma   90.00
#
_symmetry.space_group_name_H-M   'P 21 21 21'
#
loop_
_entity.id
_entity.type
_entity.pdbx_description
1 polymer 'poly ADP-ribose glycohydrolase'
2 non-polymer 'SULFATE ION'
3 water water
#
_entity_poly.entity_id   1
_entity_poly.type   'polypeptide(L)'
_entity_poly.pdbx_seq_one_letter_code
;GPVRLPGLAAMRQGTRLFTPEQGEDLREALRRRRGSFQTTCEVTSETTFAAARRLREKASALAALNFASAKNPGGGFLGG
AQAQEEDLCRGSGLYFSLTSPQAEPYYAVNRQSHSALYTDHLIYSPQVPIFRDDAGQLLPAPVPVNIITAPAPNAGAVAQ
SRPEQLPQVLPTLRERARRVLGVAAWMEQTHLVLGAWGCGVFRNDPAGVARTFRELLEGEAQGAFEHVTFAVLDNHPQHP
TLGAFRRELESLCLP
;
_entity_poly.pdbx_strand_id   A
#
loop_
_chem_comp.id
_chem_comp.type
_chem_comp.name
_chem_comp.formula
SO4 non-polymer 'SULFATE ION' 'O4 S -2'
#
# COMPACT_ATOMS: atom_id res chain seq x y z
N GLY A 1 28.47 -17.03 -17.78
CA GLY A 1 28.17 -16.63 -16.42
C GLY A 1 26.76 -16.98 -15.99
N PRO A 2 26.30 -16.42 -14.87
CA PRO A 2 24.94 -16.70 -14.41
C PRO A 2 23.89 -16.34 -15.43
N VAL A 3 22.80 -17.10 -15.42
CA VAL A 3 21.64 -16.72 -16.23
C VAL A 3 20.99 -15.50 -15.62
N ARG A 4 20.66 -14.51 -16.45
CA ARG A 4 19.93 -13.33 -15.99
C ARG A 4 18.45 -13.68 -15.90
N LEU A 5 17.92 -13.73 -14.68
CA LEU A 5 16.51 -14.08 -14.51
C LEU A 5 15.65 -12.89 -14.93
N PRO A 6 14.57 -13.14 -15.66
CA PRO A 6 13.85 -12.04 -16.33
C PRO A 6 13.33 -11.01 -15.35
N GLY A 7 13.54 -9.73 -15.68
CA GLY A 7 12.91 -8.63 -15.00
C GLY A 7 13.45 -8.28 -13.63
N LEU A 8 14.26 -9.14 -13.00
CA LEU A 8 14.65 -8.89 -11.61
C LEU A 8 15.62 -7.72 -11.51
N ALA A 9 16.57 -7.61 -12.44
CA ALA A 9 17.52 -6.50 -12.40
C ALA A 9 16.82 -5.17 -12.61
N ALA A 10 15.90 -5.11 -13.57
CA ALA A 10 15.20 -3.86 -13.84
C ALA A 10 14.34 -3.43 -12.67
N MET A 11 13.71 -4.39 -11.98
CA MET A 11 12.91 -4.07 -10.81
C MET A 11 13.78 -3.50 -9.71
N ARG A 12 14.89 -4.17 -9.41
CA ARG A 12 15.80 -3.69 -8.38
C ARG A 12 16.37 -2.32 -8.75
N GLN A 13 16.80 -2.15 -10.00
CA GLN A 13 17.42 -0.88 -10.38
C GLN A 13 16.40 0.25 -10.43
N GLY A 14 15.14 -0.05 -10.76
CA GLY A 14 14.09 0.94 -10.80
C GLY A 14 13.41 1.21 -9.49
N THR A 15 13.84 0.53 -8.43
CA THR A 15 13.25 0.77 -7.12
C THR A 15 13.61 2.19 -6.67
N ARG A 16 12.65 2.87 -6.05
CA ARG A 16 12.81 4.27 -5.68
C ARG A 16 12.45 4.47 -4.22
N LEU A 17 13.29 5.23 -3.51
CA LEU A 17 12.99 5.63 -2.15
C LEU A 17 12.33 7.02 -2.15
N PHE A 18 11.29 7.16 -1.34
CA PHE A 18 10.69 8.47 -1.09
C PHE A 18 10.94 8.83 0.36
N THR A 19 11.51 9.98 0.59
CA THR A 19 11.92 10.41 1.92
C THR A 19 10.92 11.39 2.49
N PRO A 20 10.95 11.61 3.81
CA PRO A 20 10.03 12.59 4.41
C PRO A 20 10.09 13.97 3.76
N GLU A 21 11.27 14.43 3.35
CA GLU A 21 11.35 15.78 2.78
C GLU A 21 10.72 15.88 1.40
N GLN A 22 10.33 14.77 0.77
CA GLN A 22 9.62 14.82 -0.49
C GLN A 22 8.12 14.98 -0.32
N GLY A 23 7.64 15.18 0.91
CA GLY A 23 6.20 15.30 1.13
C GLY A 23 5.54 16.37 0.29
N GLU A 24 6.21 17.52 0.12
CA GLU A 24 5.58 18.61 -0.61
C GLU A 24 5.52 18.29 -2.10
N ASP A 25 6.59 17.72 -2.66
CA ASP A 25 6.55 17.32 -4.07
C ASP A 25 5.45 16.29 -4.31
N LEU A 26 5.26 15.36 -3.35
CA LEU A 26 4.20 14.38 -3.49
C LEU A 26 2.82 15.04 -3.45
N ARG A 27 2.64 16.00 -2.54
CA ARG A 27 1.38 16.74 -2.46
C ARG A 27 1.08 17.44 -3.78
N GLU A 28 2.10 18.04 -4.40
CA GLU A 28 1.89 18.74 -5.66
C GLU A 28 1.51 17.76 -6.77
N ALA A 29 2.18 16.61 -6.83
CA ALA A 29 1.82 15.63 -7.85
C ALA A 29 0.38 15.18 -7.69
N LEU A 30 -0.05 14.95 -6.45
CA LEU A 30 -1.43 14.56 -6.21
C LEU A 30 -2.39 15.69 -6.57
N ARG A 31 -2.04 16.94 -6.22
CA ARG A 31 -2.93 18.07 -6.54
C ARG A 31 -3.14 18.21 -8.04
N ARG A 32 -2.09 17.95 -8.83
CA ARG A 32 -2.21 18.07 -10.29
C ARG A 32 -3.12 16.99 -10.86
N ARG A 33 -3.15 15.81 -10.23
CA ARG A 33 -3.96 14.69 -10.71
C ARG A 33 -5.40 14.77 -10.23
N ARG A 34 -5.66 15.47 -9.14
CA ARG A 34 -7.02 15.62 -8.61
C ARG A 34 -7.96 16.05 -9.72
N GLY A 35 -9.12 15.40 -9.79
CA GLY A 35 -10.14 15.77 -10.75
C GLY A 35 -9.96 15.21 -12.15
N SER A 36 -9.00 14.30 -12.34
CA SER A 36 -8.71 13.77 -13.67
C SER A 36 -9.77 12.75 -14.12
N PHE A 37 -10.30 11.96 -13.18
CA PHE A 37 -11.12 10.81 -13.51
C PHE A 37 -12.40 10.81 -12.68
N GLN A 38 -13.42 10.13 -13.23
CA GLN A 38 -14.58 9.69 -12.45
C GLN A 38 -14.16 8.35 -11.84
N THR A 39 -13.56 8.43 -10.66
CA THR A 39 -12.98 7.25 -10.00
C THR A 39 -14.02 6.18 -9.73
N THR A 40 -13.69 4.94 -10.08
CA THR A 40 -14.45 3.77 -9.67
C THR A 40 -13.78 3.19 -8.43
N CYS A 41 -14.56 2.90 -7.40
N CYS A 41 -14.58 2.86 -7.42
CA CYS A 41 -14.06 2.28 -6.18
CA CYS A 41 -14.08 2.29 -6.19
C CYS A 41 -14.87 1.02 -5.89
C CYS A 41 -14.87 1.04 -5.85
N GLU A 42 -14.18 0.03 -5.32
CA GLU A 42 -14.83 -1.22 -4.94
C GLU A 42 -14.14 -1.75 -3.68
N VAL A 43 -14.90 -2.47 -2.87
CA VAL A 43 -14.35 -3.20 -1.71
C VAL A 43 -14.61 -4.67 -1.95
N THR A 44 -13.55 -5.45 -2.03
CA THR A 44 -13.66 -6.83 -2.48
C THR A 44 -13.08 -7.77 -1.43
N SER A 45 -13.57 -9.01 -1.45
CA SER A 45 -13.08 -10.06 -0.57
C SER A 45 -12.04 -10.88 -1.33
N GLU A 46 -10.87 -10.28 -1.48
CA GLU A 46 -9.74 -10.85 -2.20
C GLU A 46 -8.45 -10.50 -1.48
N THR A 47 -7.42 -11.31 -1.71
CA THR A 47 -6.08 -10.93 -1.30
C THR A 47 -5.55 -9.82 -2.20
N THR A 48 -4.50 -9.15 -1.72
CA THR A 48 -3.91 -8.06 -2.48
C THR A 48 -3.48 -8.51 -3.86
N PHE A 49 -2.76 -9.63 -3.92
CA PHE A 49 -2.27 -10.09 -5.21
C PHE A 49 -3.36 -10.71 -6.08
N ALA A 50 -4.41 -11.27 -5.47
CA ALA A 50 -5.50 -11.77 -6.29
C ALA A 50 -6.18 -10.62 -7.01
N ALA A 51 -6.38 -9.50 -6.30
CA ALA A 51 -6.93 -8.30 -6.93
C ALA A 51 -6.00 -7.75 -7.99
N ALA A 52 -4.69 -7.67 -7.69
CA ALA A 52 -3.74 -7.17 -8.68
C ALA A 52 -3.74 -8.04 -9.93
N ARG A 53 -3.78 -9.36 -9.77
CA ARG A 53 -3.78 -10.25 -10.92
C ARG A 53 -5.06 -10.09 -11.74
N ARG A 54 -6.18 -9.86 -11.07
CA ARG A 54 -7.45 -9.68 -11.77
C ARG A 54 -7.44 -8.39 -12.58
N LEU A 55 -6.84 -7.33 -12.03
CA LEU A 55 -6.86 -6.02 -12.67
C LEU A 55 -5.73 -5.80 -13.66
N ARG A 56 -4.64 -6.57 -13.58
CA ARG A 56 -3.44 -6.24 -14.35
C ARG A 56 -3.69 -6.27 -15.86
N GLU A 57 -4.68 -7.05 -16.33
CA GLU A 57 -5.05 -6.95 -17.74
C GLU A 57 -5.84 -5.68 -18.02
N LYS A 58 -6.55 -5.15 -17.03
CA LYS A 58 -7.32 -3.92 -17.24
C LYS A 58 -6.42 -2.69 -17.30
N ALA A 59 -5.20 -2.76 -16.77
CA ALA A 59 -4.36 -1.57 -16.66
C ALA A 59 -2.92 -1.96 -16.41
N SER A 60 -1.99 -1.18 -16.94
CA SER A 60 -0.58 -1.39 -16.68
C SER A 60 -0.06 -0.52 -15.55
N ALA A 61 -0.65 0.67 -15.34
CA ALA A 61 -0.22 1.56 -14.27
C ALA A 61 -1.00 1.22 -13.00
N LEU A 62 -0.73 0.02 -12.51
CA LEU A 62 -1.41 -0.59 -11.36
C LEU A 62 -0.42 -0.77 -10.23
N ALA A 63 -0.75 -0.23 -9.05
CA ALA A 63 0.11 -0.33 -7.87
C ALA A 63 -0.66 -0.91 -6.70
N ALA A 64 0.00 -1.73 -5.89
CA ALA A 64 -0.58 -2.32 -4.69
C ALA A 64 0.16 -1.83 -3.47
N LEU A 65 -0.59 -1.58 -2.39
CA LEU A 65 -0.01 -1.19 -1.11
C LEU A 65 0.38 -2.42 -0.31
N ASN A 66 1.66 -2.48 0.06
CA ASN A 66 2.23 -3.55 0.86
C ASN A 66 2.16 -3.16 2.32
N PHE A 67 1.50 -3.97 3.16
CA PHE A 67 1.38 -3.60 4.57
C PHE A 67 2.67 -4.01 5.25
N ALA A 68 3.65 -3.12 5.21
CA ALA A 68 5.03 -3.52 5.43
C ALA A 68 5.46 -3.40 6.88
N SER A 69 6.51 -4.14 7.20
CA SER A 69 7.28 -3.86 8.39
C SER A 69 8.10 -2.59 8.17
N ALA A 70 8.34 -1.87 9.25
CA ALA A 70 9.18 -0.69 9.18
C ALA A 70 10.67 -1.03 9.32
N LYS A 71 10.99 -2.14 9.99
CA LYS A 71 12.36 -2.44 10.37
C LYS A 71 13.02 -3.57 9.56
N ASN A 72 12.25 -4.44 8.92
CA ASN A 72 12.82 -5.62 8.26
C ASN A 72 12.11 -5.88 6.93
N PRO A 73 12.86 -5.97 5.81
CA PRO A 73 12.27 -6.14 4.48
C PRO A 73 11.56 -7.48 4.27
N GLU A 85 0.94 -12.02 9.48
CA GLU A 85 2.37 -11.97 9.72
C GLU A 85 3.14 -11.84 8.40
N GLU A 86 2.42 -11.99 7.29
CA GLU A 86 3.02 -12.05 5.96
C GLU A 86 2.70 -10.80 5.16
N ASP A 87 3.71 -10.26 4.48
CA ASP A 87 3.56 -9.11 3.61
C ASP A 87 3.62 -9.58 2.16
N LEU A 88 3.75 -8.63 1.23
CA LEU A 88 3.71 -8.98 -0.19
C LEU A 88 5.01 -9.59 -0.69
N CYS A 89 6.00 -9.81 0.18
CA CYS A 89 7.16 -10.59 -0.23
C CYS A 89 6.76 -12.02 -0.49
N ARG A 90 5.71 -12.48 0.18
CA ARG A 90 5.29 -13.86 0.00
C ARG A 90 4.71 -14.02 -1.39
N GLY A 91 5.23 -14.99 -2.13
CA GLY A 91 4.74 -15.27 -3.46
C GLY A 91 5.26 -14.36 -4.54
N SER A 92 6.25 -13.50 -4.27
CA SER A 92 6.65 -12.49 -5.25
C SER A 92 8.16 -12.27 -5.20
N GLY A 93 8.65 -11.43 -6.10
CA GLY A 93 10.04 -11.02 -6.09
C GLY A 93 10.33 -9.77 -5.28
N LEU A 94 9.39 -9.37 -4.42
CA LEU A 94 9.48 -8.06 -3.75
C LEU A 94 10.74 -7.90 -2.89
N TYR A 95 11.17 -8.97 -2.22
CA TYR A 95 12.37 -8.86 -1.38
C TYR A 95 13.59 -8.41 -2.17
N PHE A 96 13.68 -8.84 -3.44
CA PHE A 96 14.81 -8.43 -4.25
C PHE A 96 14.79 -6.94 -4.54
N SER A 97 13.63 -6.30 -4.42
CA SER A 97 13.54 -4.86 -4.55
C SER A 97 13.76 -4.15 -3.22
N LEU A 98 13.16 -4.66 -2.14
CA LEU A 98 13.25 -3.95 -0.86
C LEU A 98 14.67 -3.92 -0.31
N THR A 99 15.50 -4.89 -0.70
CA THR A 99 16.89 -4.93 -0.25
C THR A 99 17.82 -4.13 -1.15
N SER A 100 17.29 -3.40 -2.13
CA SER A 100 18.13 -2.63 -3.02
C SER A 100 18.88 -1.55 -2.23
N PRO A 101 20.06 -1.14 -2.68
CA PRO A 101 20.83 -0.17 -1.89
C PRO A 101 20.12 1.17 -1.74
N GLN A 102 19.35 1.59 -2.73
CA GLN A 102 18.70 2.89 -2.63
C GLN A 102 17.58 2.88 -1.61
N ALA A 103 17.05 1.71 -1.27
CA ALA A 103 16.01 1.57 -0.28
C ALA A 103 16.53 1.45 1.15
N GLU A 104 17.85 1.32 1.33
CA GLU A 104 18.39 1.08 2.66
C GLU A 104 18.01 2.13 3.70
N PRO A 105 17.93 3.44 3.38
CA PRO A 105 17.56 4.40 4.45
C PRO A 105 16.19 4.16 5.06
N TYR A 106 15.25 3.58 4.31
CA TYR A 106 13.94 3.24 4.89
C TYR A 106 14.11 2.37 6.13
N TYR A 107 14.99 1.36 6.04
CA TYR A 107 15.19 0.47 7.17
C TYR A 107 16.09 1.09 8.22
N ALA A 108 17.13 1.80 7.79
CA ALA A 108 18.07 2.40 8.75
C ALA A 108 17.40 3.49 9.58
N VAL A 109 16.58 4.34 8.94
CA VAL A 109 15.99 5.46 9.66
C VAL A 109 14.87 4.99 10.58
N ASN A 110 14.03 4.07 10.08
CA ASN A 110 12.97 3.53 10.92
C ASN A 110 13.54 2.84 12.14
N ARG A 111 14.68 2.14 11.99
CA ARG A 111 15.30 1.49 13.15
C ARG A 111 15.75 2.52 14.17
N GLN A 112 16.43 3.56 13.72
CA GLN A 112 16.98 4.54 14.65
C GLN A 112 15.95 5.52 15.19
N SER A 113 14.73 5.52 14.62
CA SER A 113 13.69 6.40 15.15
C SER A 113 13.25 5.99 16.55
N HIS A 114 13.34 4.69 16.85
CA HIS A 114 12.92 4.12 18.14
C HIS A 114 11.46 4.47 18.47
N SER A 115 10.66 4.82 17.47
CA SER A 115 9.24 5.15 17.65
C SER A 115 8.40 4.15 16.88
N ALA A 116 7.34 3.64 17.51
CA ALA A 116 6.43 2.73 16.82
C ALA A 116 5.47 3.46 15.90
N LEU A 117 5.53 4.79 15.85
CA LEU A 117 4.85 5.52 14.79
C LEU A 117 5.61 5.47 13.47
N TYR A 118 6.91 5.13 13.52
CA TYR A 118 7.80 5.06 12.37
C TYR A 118 7.90 6.41 11.65
N THR A 119 8.39 6.41 10.43
CA THR A 119 8.68 7.64 9.70
C THR A 119 8.02 7.57 8.33
N ASP A 120 8.01 8.72 7.65
CA ASP A 120 7.37 8.83 6.34
C ASP A 120 8.33 8.52 5.19
N HIS A 121 8.97 7.36 5.29
CA HIS A 121 9.72 6.80 4.18
C HIS A 121 8.81 5.80 3.47
N LEU A 122 8.86 5.80 2.13
CA LEU A 122 8.15 4.81 1.33
C LEU A 122 9.07 4.29 0.25
N ILE A 123 8.86 3.02 -0.13
CA ILE A 123 9.60 2.40 -1.22
C ILE A 123 8.65 2.11 -2.37
N TYR A 124 9.04 2.48 -3.57
CA TYR A 124 8.28 2.16 -4.77
C TYR A 124 9.04 1.12 -5.58
N SER A 125 8.37 0.02 -5.88
CA SER A 125 8.99 -1.13 -6.53
C SER A 125 8.28 -1.38 -7.85
N PRO A 126 8.91 -1.14 -9.00
CA PRO A 126 8.22 -1.30 -10.27
C PRO A 126 8.26 -2.73 -10.80
N GLN A 127 7.11 -3.17 -11.29
CA GLN A 127 6.95 -4.44 -12.01
C GLN A 127 7.57 -5.61 -11.25
N VAL A 128 7.20 -5.72 -9.98
CA VAL A 128 7.51 -6.88 -9.13
C VAL A 128 6.77 -8.10 -9.66
N PRO A 129 7.46 -9.21 -9.94
CA PRO A 129 6.75 -10.42 -10.39
C PRO A 129 6.03 -11.11 -9.24
N ILE A 130 4.75 -11.38 -9.45
CA ILE A 130 3.98 -12.31 -8.63
C ILE A 130 4.19 -13.69 -9.20
N PHE A 131 4.75 -14.60 -8.39
CA PHE A 131 5.17 -15.94 -8.81
C PHE A 131 4.12 -17.01 -8.53
N ARG A 132 3.30 -16.84 -7.50
CA ARG A 132 2.42 -17.90 -7.04
C ARG A 132 1.04 -17.32 -6.77
N ASP A 133 0.05 -18.22 -6.72
CA ASP A 133 -1.31 -17.84 -6.39
C ASP A 133 -1.51 -17.86 -4.87
N ASP A 134 -2.76 -17.63 -4.45
CA ASP A 134 -3.09 -17.56 -3.02
C ASP A 134 -2.73 -18.86 -2.30
N ALA A 135 -2.92 -19.99 -2.96
CA ALA A 135 -2.64 -21.30 -2.38
C ALA A 135 -1.16 -21.67 -2.44
N GLY A 136 -0.31 -20.83 -3.02
CA GLY A 136 1.11 -21.13 -3.07
C GLY A 136 1.55 -21.91 -4.28
N GLN A 137 0.69 -22.13 -5.26
CA GLN A 137 1.04 -22.84 -6.48
C GLN A 137 1.65 -21.87 -7.49
N LEU A 138 2.64 -22.35 -8.25
CA LEU A 138 3.27 -21.51 -9.26
C LEU A 138 2.28 -21.07 -10.32
N LEU A 139 2.34 -19.81 -10.67
CA LEU A 139 1.60 -19.32 -11.83
C LEU A 139 2.34 -19.74 -13.09
N PRO A 140 1.62 -20.15 -14.14
CA PRO A 140 2.28 -20.46 -15.41
C PRO A 140 3.13 -19.31 -15.92
N ALA A 141 2.67 -18.07 -15.76
CA ALA A 141 3.45 -16.90 -16.11
C ALA A 141 3.36 -15.93 -14.95
N PRO A 142 4.49 -15.44 -14.43
CA PRO A 142 4.44 -14.41 -13.40
C PRO A 142 3.67 -13.18 -13.88
N VAL A 143 3.06 -12.49 -12.94
CA VAL A 143 2.26 -11.30 -13.22
C VAL A 143 2.96 -10.12 -12.56
N PRO A 144 3.40 -9.11 -13.30
CA PRO A 144 4.12 -7.99 -12.69
C PRO A 144 3.20 -6.90 -12.22
N VAL A 145 3.48 -6.37 -11.04
N VAL A 145 3.48 -6.35 -11.05
CA VAL A 145 2.71 -5.27 -10.48
CA VAL A 145 2.68 -5.30 -10.43
C VAL A 145 3.66 -4.31 -9.79
C VAL A 145 3.62 -4.33 -9.72
N ASN A 146 3.27 -3.04 -9.74
CA ASN A 146 4.03 -2.07 -8.98
C ASN A 146 3.57 -2.11 -7.52
N ILE A 147 4.51 -1.92 -6.59
CA ILE A 147 4.21 -2.05 -5.18
C ILE A 147 4.70 -0.82 -4.43
N ILE A 148 3.86 -0.29 -3.56
CA ILE A 148 4.22 0.78 -2.64
C ILE A 148 4.33 0.19 -1.26
N THR A 149 5.49 0.35 -0.63
CA THR A 149 5.76 -0.18 0.69
C THR A 149 5.87 0.99 1.68
N ALA A 150 5.01 0.98 2.70
CA ALA A 150 5.05 1.97 3.76
C ALA A 150 4.45 1.33 5.00
N PRO A 151 5.03 1.57 6.16
CA PRO A 151 4.50 0.95 7.39
C PRO A 151 3.40 1.79 8.01
N ALA A 152 2.28 1.17 8.34
CA ALA A 152 1.31 1.87 9.15
C ALA A 152 1.88 2.05 10.56
N PRO A 153 1.47 3.09 11.28
CA PRO A 153 1.87 3.17 12.68
C PRO A 153 1.44 1.92 13.41
N ASN A 154 2.29 1.43 14.30
CA ASN A 154 1.99 0.23 15.07
C ASN A 154 1.26 0.65 16.34
N ALA A 155 -0.08 0.75 16.24
CA ALA A 155 -0.90 1.24 17.34
C ALA A 155 -0.75 0.35 18.56
N GLY A 156 -0.63 -0.97 18.36
CA GLY A 156 -0.49 -1.86 19.50
C GLY A 156 0.79 -1.63 20.26
N ALA A 157 1.89 -1.40 19.54
CA ALA A 157 3.16 -1.16 20.19
C ALA A 157 3.19 0.23 20.84
N VAL A 158 2.56 1.22 20.21
CA VAL A 158 2.45 2.54 20.82
C VAL A 158 1.68 2.44 22.13
N ALA A 159 0.56 1.73 22.12
CA ALA A 159 -0.25 1.60 23.32
C ALA A 159 0.53 0.96 24.45
N GLN A 160 1.40 0.00 24.13
CA GLN A 160 2.10 -0.76 25.14
C GLN A 160 3.33 -0.03 25.67
N SER A 161 4.07 0.67 24.82
CA SER A 161 5.38 1.17 25.18
C SER A 161 5.53 2.69 25.14
N ARG A 162 4.69 3.41 24.42
CA ARG A 162 4.69 4.88 24.45
C ARG A 162 3.25 5.37 24.39
N PRO A 163 2.49 5.14 25.46
CA PRO A 163 1.05 5.49 25.44
C PRO A 163 0.76 6.95 25.16
N GLU A 164 1.67 7.87 25.49
CA GLU A 164 1.42 9.27 25.19
C GLU A 164 1.40 9.53 23.69
N GLN A 165 1.94 8.61 22.88
CA GLN A 165 1.86 8.73 21.44
C GLN A 165 0.54 8.22 20.87
N LEU A 166 -0.29 7.56 21.67
CA LEU A 166 -1.51 6.96 21.12
C LEU A 166 -2.43 7.98 20.47
N PRO A 167 -2.62 9.20 21.02
CA PRO A 167 -3.41 10.20 20.30
C PRO A 167 -2.79 10.60 18.97
N GLN A 168 -1.53 10.28 18.72
CA GLN A 168 -0.88 10.67 17.48
C GLN A 168 -0.97 9.61 16.40
N VAL A 169 -1.59 8.46 16.70
CA VAL A 169 -1.68 7.39 15.72
C VAL A 169 -2.53 7.84 14.53
N LEU A 170 -3.72 8.40 14.79
CA LEU A 170 -4.59 8.83 13.70
C LEU A 170 -3.94 9.86 12.79
N PRO A 171 -3.37 10.97 13.29
CA PRO A 171 -2.74 11.90 12.35
C PRO A 171 -1.52 11.33 11.65
N THR A 172 -0.78 10.43 12.30
CA THR A 172 0.33 9.76 11.61
C THR A 172 -0.18 8.91 10.46
N LEU A 173 -1.26 8.14 10.71
CA LEU A 173 -1.85 7.29 9.69
C LEU A 173 -2.35 8.10 8.50
N ARG A 174 -3.04 9.21 8.77
CA ARG A 174 -3.58 10.03 7.70
C ARG A 174 -2.47 10.65 6.86
N GLU A 175 -1.45 11.20 7.50
CA GLU A 175 -0.38 11.84 6.76
C GLU A 175 0.40 10.82 5.94
N ARG A 176 0.59 9.62 6.47
CA ARG A 176 1.30 8.61 5.69
C ARG A 176 0.42 8.05 4.57
N ALA A 177 -0.89 7.92 4.81
CA ALA A 177 -1.79 7.52 3.72
C ALA A 177 -1.76 8.56 2.61
N ARG A 178 -1.74 9.85 2.98
CA ARG A 178 -1.60 10.91 1.99
C ARG A 178 -0.35 10.70 1.14
N ARG A 179 0.76 10.28 1.76
CA ARG A 179 1.99 10.09 1.01
C ARG A 179 1.94 8.83 0.13
N VAL A 180 1.22 7.80 0.56
CA VAL A 180 1.00 6.63 -0.30
C VAL A 180 0.31 7.07 -1.59
N LEU A 181 -0.78 7.84 -1.47
CA LEU A 181 -1.49 8.30 -2.65
C LEU A 181 -0.63 9.25 -3.47
N GLY A 182 0.18 10.06 -2.80
CA GLY A 182 1.09 10.96 -3.49
C GLY A 182 2.14 10.22 -4.31
N VAL A 183 2.73 9.17 -3.73
CA VAL A 183 3.67 8.35 -4.49
C VAL A 183 2.97 7.74 -5.71
N ALA A 184 1.75 7.24 -5.51
CA ALA A 184 1.01 6.67 -6.63
C ALA A 184 0.80 7.70 -7.74
N ALA A 185 0.42 8.94 -7.38
CA ALA A 185 0.24 9.97 -8.39
C ALA A 185 1.55 10.38 -9.04
N TRP A 186 2.61 10.47 -8.23
CA TRP A 186 3.93 10.82 -8.71
C TRP A 186 4.43 9.84 -9.78
N MET A 187 4.13 8.55 -9.61
CA MET A 187 4.49 7.53 -10.60
C MET A 187 3.37 7.27 -11.59
N GLU A 188 2.39 8.17 -11.67
CA GLU A 188 1.35 8.14 -12.70
C GLU A 188 0.55 6.83 -12.68
N GLN A 189 0.32 6.30 -11.49
CA GLN A 189 -0.50 5.10 -11.36
C GLN A 189 -1.99 5.45 -11.49
N THR A 190 -2.71 4.64 -12.25
CA THR A 190 -4.15 4.85 -12.45
C THR A 190 -5.01 3.94 -11.60
N HIS A 191 -4.49 2.76 -11.24
CA HIS A 191 -5.23 1.75 -10.51
C HIS A 191 -4.48 1.46 -9.23
N LEU A 192 -5.20 1.44 -8.11
CA LEU A 192 -4.60 1.14 -6.83
C LEU A 192 -5.30 -0.05 -6.18
N VAL A 193 -4.51 -0.89 -5.52
CA VAL A 193 -5.05 -1.92 -4.65
C VAL A 193 -4.66 -1.54 -3.22
N LEU A 194 -5.65 -1.08 -2.47
CA LEU A 194 -5.51 -0.72 -1.07
C LEU A 194 -6.14 -1.81 -0.20
N GLY A 195 -6.25 -1.56 1.09
CA GLY A 195 -6.86 -2.53 1.96
C GLY A 195 -6.74 -2.11 3.40
N ALA A 196 -6.86 -3.10 4.28
CA ALA A 196 -6.88 -2.89 5.73
C ALA A 196 -5.46 -2.73 6.28
N TRP A 197 -4.82 -1.65 5.83
CA TRP A 197 -3.44 -1.32 6.15
C TRP A 197 -3.26 -1.12 7.65
N GLY A 198 -2.36 -1.91 8.25
CA GLY A 198 -2.10 -1.79 9.67
C GLY A 198 -3.13 -2.43 10.57
N CYS A 199 -4.08 -3.16 10.01
CA CYS A 199 -5.08 -3.83 10.82
C CYS A 199 -4.58 -5.23 11.16
N GLY A 200 -5.16 -5.80 12.19
CA GLY A 200 -4.63 -7.07 12.66
C GLY A 200 -3.52 -6.88 13.70
N VAL A 201 -2.29 -7.29 13.36
CA VAL A 201 -1.21 -7.33 14.35
C VAL A 201 -0.88 -5.94 14.86
N PHE A 202 -0.85 -4.95 13.97
CA PHE A 202 -0.62 -3.57 14.40
C PHE A 202 -1.82 -2.96 15.11
N ARG A 203 -2.99 -3.60 15.04
CA ARG A 203 -4.16 -3.26 15.88
C ARG A 203 -4.76 -1.88 15.56
N ASN A 204 -4.61 -1.41 14.33
CA ASN A 204 -5.38 -0.24 13.91
C ASN A 204 -6.81 -0.67 13.63
N ASP A 205 -7.74 0.22 13.92
CA ASP A 205 -9.15 -0.10 13.75
C ASP A 205 -9.52 -0.08 12.27
N PRO A 206 -10.17 -1.14 11.75
CA PRO A 206 -10.50 -1.13 10.31
C PRO A 206 -11.38 0.02 9.87
N ALA A 207 -12.43 0.34 10.62
CA ALA A 207 -13.29 1.45 10.23
C ALA A 207 -12.49 2.75 10.15
N GLY A 208 -11.58 2.96 11.09
CA GLY A 208 -10.79 4.17 11.08
C GLY A 208 -9.81 4.25 9.92
N VAL A 209 -9.25 3.10 9.52
CA VAL A 209 -8.36 3.09 8.36
C VAL A 209 -9.16 3.34 7.08
N ALA A 210 -10.31 2.67 6.95
CA ALA A 210 -11.19 2.93 5.80
C ALA A 210 -11.62 4.39 5.74
N ARG A 211 -11.98 4.96 6.90
CA ARG A 211 -12.41 6.36 6.95
C ARG A 211 -11.27 7.30 6.59
N THR A 212 -10.03 6.95 6.94
CA THR A 212 -8.88 7.76 6.57
C THR A 212 -8.70 7.80 5.05
N PHE A 213 -8.77 6.64 4.39
CA PHE A 213 -8.67 6.64 2.95
C PHE A 213 -9.86 7.35 2.33
N ARG A 214 -11.04 7.23 2.94
CA ARG A 214 -12.21 7.93 2.44
C ARG A 214 -12.00 9.44 2.46
N GLU A 215 -11.50 9.96 3.58
CA GLU A 215 -11.27 11.40 3.67
C GLU A 215 -10.38 11.88 2.54
N LEU A 216 -9.34 11.12 2.21
CA LEU A 216 -8.44 11.55 1.15
C LEU A 216 -9.06 11.39 -0.23
N LEU A 217 -9.74 10.26 -0.46
CA LEU A 217 -10.30 10.00 -1.78
C LEU A 217 -11.54 10.84 -2.09
N GLU A 218 -12.16 11.45 -1.08
CA GLU A 218 -13.23 12.41 -1.31
C GLU A 218 -12.75 13.86 -1.29
N GLY A 219 -11.48 14.08 -1.02
CA GLY A 219 -10.89 15.39 -0.92
C GLY A 219 -9.67 15.58 -1.80
N GLU A 220 -8.49 15.56 -1.18
CA GLU A 220 -7.24 15.86 -1.89
C GLU A 220 -7.02 14.93 -3.07
N ALA A 221 -7.44 13.68 -2.95
CA ALA A 221 -7.21 12.69 -3.99
C ALA A 221 -8.48 12.40 -4.79
N GLN A 222 -9.48 13.27 -4.72
CA GLN A 222 -10.73 13.00 -5.43
C GLN A 222 -10.49 13.04 -6.94
N GLY A 223 -10.83 11.95 -7.61
CA GLY A 223 -10.62 11.90 -9.05
C GLY A 223 -9.19 11.77 -9.49
N ALA A 224 -8.24 11.57 -8.57
CA ALA A 224 -6.85 11.43 -8.96
C ALA A 224 -6.52 10.05 -9.52
N PHE A 225 -7.36 9.05 -9.26
CA PHE A 225 -7.14 7.71 -9.75
C PHE A 225 -8.32 7.22 -10.57
N GLU A 226 -8.02 6.34 -11.53
CA GLU A 226 -9.07 5.76 -12.34
C GLU A 226 -9.90 4.77 -11.55
N HIS A 227 -9.24 3.96 -10.71
CA HIS A 227 -9.88 2.82 -10.08
C HIS A 227 -9.15 2.51 -8.79
N VAL A 228 -9.91 2.31 -7.71
CA VAL A 228 -9.33 1.94 -6.43
C VAL A 228 -10.04 0.69 -5.94
N THR A 229 -9.28 -0.37 -5.66
CA THR A 229 -9.81 -1.59 -5.10
C THR A 229 -9.33 -1.71 -3.67
N PHE A 230 -10.26 -1.84 -2.73
CA PHE A 230 -9.90 -2.19 -1.36
C PHE A 230 -10.05 -3.69 -1.24
N ALA A 231 -8.93 -4.40 -1.32
CA ALA A 231 -8.91 -5.86 -1.26
C ALA A 231 -8.77 -6.28 0.19
N VAL A 232 -9.87 -6.79 0.75
CA VAL A 232 -9.98 -7.10 2.18
C VAL A 232 -10.54 -8.50 2.34
N LEU A 233 -9.69 -9.51 2.20
CA LEU A 233 -10.16 -10.87 2.39
C LEU A 233 -10.52 -11.09 3.86
N ASP A 234 -11.72 -11.58 4.09
CA ASP A 234 -12.26 -11.69 5.45
C ASP A 234 -13.22 -12.87 5.46
N ASN A 235 -12.81 -13.96 6.09
CA ASN A 235 -13.66 -15.14 6.19
C ASN A 235 -14.15 -15.36 7.61
N HIS A 236 -13.92 -14.40 8.50
CA HIS A 236 -14.50 -14.42 9.83
C HIS A 236 -16.03 -14.42 9.71
N PRO A 237 -16.74 -15.14 10.59
CA PRO A 237 -18.20 -15.31 10.43
C PRO A 237 -18.97 -14.03 10.18
N GLN A 238 -18.67 -12.95 10.90
CA GLN A 238 -19.41 -11.70 10.76
C GLN A 238 -18.73 -10.71 9.82
N HIS A 239 -17.64 -11.12 9.16
CA HIS A 239 -16.87 -10.31 8.23
C HIS A 239 -16.64 -8.90 8.75
N PRO A 240 -16.06 -8.73 9.95
CA PRO A 240 -16.03 -7.39 10.56
C PRO A 240 -15.07 -6.43 9.89
N THR A 241 -13.98 -6.93 9.31
CA THR A 241 -13.02 -6.04 8.66
C THR A 241 -13.53 -5.64 7.29
N LEU A 242 -13.92 -6.63 6.49
CA LEU A 242 -14.54 -6.33 5.20
C LEU A 242 -15.80 -5.51 5.37
N GLY A 243 -16.61 -5.83 6.39
CA GLY A 243 -17.83 -5.09 6.61
C GLY A 243 -17.56 -3.63 6.97
N ALA A 244 -16.53 -3.38 7.78
CA ALA A 244 -16.21 -2.00 8.14
C ALA A 244 -15.80 -1.20 6.92
N PHE A 245 -15.00 -1.80 6.04
CA PHE A 245 -14.58 -1.11 4.83
C PHE A 245 -15.77 -0.84 3.91
N ARG A 246 -16.67 -1.81 3.77
CA ARG A 246 -17.84 -1.61 2.92
C ARG A 246 -18.76 -0.54 3.47
N ARG A 247 -18.99 -0.55 4.79
CA ARG A 247 -19.87 0.46 5.37
C ARG A 247 -19.28 1.86 5.22
N GLU A 248 -17.97 2.01 5.47
N GLU A 248 -17.98 2.00 5.45
CA GLU A 248 -17.35 3.33 5.43
CA GLU A 248 -17.33 3.29 5.43
C GLU A 248 -17.24 3.86 4.00
C GLU A 248 -17.17 3.84 4.02
N LEU A 249 -16.97 2.98 3.04
CA LEU A 249 -16.66 3.41 1.68
C LEU A 249 -17.86 3.32 0.74
N GLU A 250 -19.05 3.11 1.30
CA GLU A 250 -20.26 2.98 0.49
C GLU A 250 -20.41 4.10 -0.53
N SER A 251 -20.23 5.35 -0.10
CA SER A 251 -20.49 6.47 -0.99
C SER A 251 -19.49 6.54 -2.14
N LEU A 252 -18.27 6.04 -1.94
CA LEU A 252 -17.30 6.00 -3.02
C LEU A 252 -17.53 4.84 -3.98
N CYS A 253 -18.23 3.81 -3.54
CA CYS A 253 -18.41 2.58 -4.30
C CYS A 253 -19.65 2.58 -5.18
N LEU A 254 -20.50 3.58 -5.09
CA LEU A 254 -21.72 3.54 -5.90
C LEU A 254 -21.37 3.80 -7.37
N PRO A 255 -21.74 2.89 -8.29
CA PRO A 255 -21.37 2.96 -9.71
C PRO A 255 -22.03 4.13 -10.44
S SO4 B . 7.13 -17.95 -1.40
O1 SO4 B . 6.02 -18.81 -0.99
O2 SO4 B . 6.88 -17.55 -2.78
O3 SO4 B . 7.23 -16.78 -0.55
O4 SO4 B . 8.39 -18.71 -1.35
#